data_4TMF
#
_entry.id   4TMF
#
_cell.length_a   41.690
_cell.length_b   54.128
_cell.length_c   63.319
_cell.angle_alpha   108.580
_cell.angle_beta   90.980
_cell.angle_gamma   93.980
#
_symmetry.space_group_name_H-M   'P 1'
#
loop_
_entity.id
_entity.type
_entity.pdbx_description
1 polymer 'ADP-ribosyl cyclase/cyclic ADP-ribose hydrolase 1'
2 non-polymer '5-O-[(R)-{[(S)-[4-(8-amino-6-oxo-1,6-dihydro-9H-purin-9-yl)butoxy](hydroxy)phosphoryl]oxy}(hydroxy)phosphoryl]-alpha-D- ribofuranose'
3 water water
#
_entity_poly.entity_id   1
_entity_poly.type   'polypeptide(L)'
_entity_poly.pdbx_seq_one_letter_code
;EFWRQTWSGPGTTKRFPETVLARCVKYTEIHPEMRHVDCQSVWDAFKGAFISKHPCDITEEDYQPLMKLGTQTVPCNKIL
LWSRIKDLAHQFTQVQRDMFTLEDTLLGYLADDLTWCGEFDTSKINYQSCPDWRKDCSNNPVSVFWKTVSRRFAEAACDV
VHVMLDGSRSKIFDKDSTFGSVEVHNLQPEKVQTLEAWVIHGGREDSRDLCQDPTIKELESIISKRNIQFSCKNIYRPDK
FLQCVKNPEDSSCTSEI
;
_entity_poly.pdbx_strand_id   A,B
#
loop_
_chem_comp.id
_chem_comp.type
_chem_comp.name
_chem_comp.formula
JS2 D-saccharide, alpha linking '5-O-[(R)-{[(S)-[4-(8-amino-6-oxo-1,6-dihydro-9H-purin-9-yl)butoxy](hydroxy)phosphoryl]oxy}(hydroxy)phosphoryl]-alpha-D- ribofuranose' 'C14 H23 N5 O12 P2'
#
# COMPACT_ATOMS: atom_id res chain seq x y z
N GLN A 5 -8.65 -33.38 3.75
CA GLN A 5 -8.55 -32.13 2.94
C GLN A 5 -7.49 -31.21 3.52
N THR A 6 -6.76 -30.53 2.64
CA THR A 6 -5.67 -29.69 3.07
C THR A 6 -6.20 -28.47 3.85
N TRP A 7 -7.28 -27.86 3.37
CA TRP A 7 -7.72 -26.55 3.87
C TRP A 7 -9.10 -26.55 4.50
N SER A 8 -9.42 -25.48 5.22
CA SER A 8 -10.71 -25.35 5.89
C SER A 8 -11.82 -24.78 5.03
N GLY A 9 -11.48 -24.10 3.93
CA GLY A 9 -12.51 -23.40 3.16
C GLY A 9 -13.00 -24.18 1.97
N PRO A 10 -14.12 -23.76 1.39
CA PRO A 10 -14.55 -24.42 0.16
C PRO A 10 -13.46 -24.42 -0.93
N GLY A 11 -13.47 -25.43 -1.77
CA GLY A 11 -12.52 -25.51 -2.89
C GLY A 11 -12.97 -24.63 -4.05
N THR A 12 -12.18 -24.67 -5.11
CA THR A 12 -12.46 -23.93 -6.32
C THR A 12 -13.84 -24.31 -6.90
N THR A 13 -14.60 -23.30 -7.31
CA THR A 13 -15.90 -23.48 -7.93
C THR A 13 -15.78 -24.38 -9.14
N LYS A 14 -16.71 -25.31 -9.26
CA LYS A 14 -16.77 -26.22 -10.39
C LYS A 14 -16.70 -25.46 -11.72
N ARG A 15 -15.85 -25.94 -12.63
CA ARG A 15 -15.69 -25.35 -13.99
C ARG A 15 -15.34 -23.87 -13.91
N PHE A 16 -14.46 -23.55 -12.98
CA PHE A 16 -14.01 -22.19 -12.75
C PHE A 16 -13.36 -21.58 -14.00
N PRO A 17 -12.45 -22.31 -14.68
CA PRO A 17 -11.84 -21.76 -15.90
C PRO A 17 -12.85 -21.38 -16.98
N GLU A 18 -13.73 -22.32 -17.30
CA GLU A 18 -14.78 -22.10 -18.28
C GLU A 18 -15.67 -20.93 -17.85
N THR A 19 -15.97 -20.85 -16.55
CA THR A 19 -16.85 -19.81 -16.05
C THR A 19 -16.23 -18.43 -16.21
N VAL A 20 -14.97 -18.29 -15.81
CA VAL A 20 -14.26 -17.04 -15.95
C VAL A 20 -14.25 -16.59 -17.42
N LEU A 21 -13.88 -17.52 -18.31
CA LEU A 21 -13.83 -17.24 -19.74
C LEU A 21 -15.20 -16.79 -20.28
N ALA A 22 -16.25 -17.55 -20.00
CA ALA A 22 -17.59 -17.22 -20.46
C ALA A 22 -18.09 -15.87 -19.87
N ARG A 23 -17.74 -15.58 -18.63
CA ARG A 23 -18.11 -14.30 -18.03
C ARG A 23 -17.37 -13.15 -18.71
N CYS A 24 -16.10 -13.39 -19.06
CA CYS A 24 -15.34 -12.39 -19.80
C CYS A 24 -15.97 -12.12 -21.18
N VAL A 25 -16.26 -13.20 -21.92
CA VAL A 25 -16.94 -13.10 -23.21
C VAL A 25 -18.23 -12.30 -23.09
N LYS A 26 -19.06 -12.66 -22.10
CA LYS A 26 -20.33 -12.00 -21.92
C LYS A 26 -20.14 -10.49 -21.62
N TYR A 27 -19.23 -10.17 -20.68
CA TYR A 27 -18.96 -8.80 -20.29
C TYR A 27 -18.44 -7.96 -21.47
N THR A 28 -17.43 -8.47 -22.17
CA THR A 28 -16.85 -7.77 -23.32
C THR A 28 -17.82 -7.66 -24.47
N GLU A 29 -18.74 -8.62 -24.59
CA GLU A 29 -19.84 -8.52 -25.57
C GLU A 29 -20.83 -7.40 -25.25
N ILE A 30 -21.08 -7.17 -23.97
CA ILE A 30 -22.09 -6.18 -23.56
C ILE A 30 -21.52 -4.77 -23.49
N HIS A 31 -20.31 -4.64 -22.94
CA HIS A 31 -19.71 -3.33 -22.72
C HIS A 31 -18.77 -2.90 -23.86
N PRO A 32 -19.07 -1.77 -24.54
CA PRO A 32 -18.28 -1.31 -25.69
C PRO A 32 -16.79 -1.02 -25.44
N GLU A 33 -16.46 -0.53 -24.24
CA GLU A 33 -15.09 -0.10 -23.93
C GLU A 33 -14.15 -1.31 -23.90
N MET A 34 -14.72 -2.45 -23.51
CA MET A 34 -14.01 -3.72 -23.40
C MET A 34 -14.06 -4.56 -24.68
N ARG A 35 -14.60 -4.01 -25.78
CA ARG A 35 -14.80 -4.76 -27.02
C ARG A 35 -13.50 -5.29 -27.64
N HIS A 36 -12.35 -4.77 -27.19
CA HIS A 36 -11.05 -5.29 -27.55
C HIS A 36 -10.28 -5.63 -26.27
N VAL A 37 -10.83 -6.61 -25.56
CA VAL A 37 -10.08 -7.35 -24.56
C VAL A 37 -9.95 -8.78 -25.11
N ASP A 38 -8.78 -9.36 -24.89
CA ASP A 38 -8.55 -10.74 -25.29
C ASP A 38 -8.87 -11.59 -24.06
N CYS A 39 -10.00 -12.28 -24.09
CA CYS A 39 -10.49 -13.01 -22.93
C CYS A 39 -9.60 -14.22 -22.58
N GLN A 40 -9.00 -14.84 -23.59
CA GLN A 40 -7.99 -15.87 -23.34
C GLN A 40 -6.80 -15.27 -22.58
N SER A 41 -6.36 -14.08 -22.95
CA SER A 41 -5.26 -13.41 -22.26
C SER A 41 -5.64 -13.03 -20.82
N VAL A 42 -6.87 -12.58 -20.64
CA VAL A 42 -7.39 -12.29 -19.31
C VAL A 42 -7.32 -13.55 -18.44
N TRP A 43 -7.79 -14.67 -18.96
CA TRP A 43 -7.76 -15.91 -18.23
C TRP A 43 -6.31 -16.32 -17.94
N ASP A 44 -5.46 -16.26 -18.95
CA ASP A 44 -4.03 -16.55 -18.79
C ASP A 44 -3.41 -15.75 -17.66
N ALA A 45 -3.69 -14.44 -17.61
CA ALA A 45 -3.17 -13.59 -16.54
C ALA A 45 -3.79 -13.96 -15.18
N PHE A 46 -5.07 -14.32 -15.19
CA PHE A 46 -5.78 -14.63 -13.95
C PHE A 46 -5.17 -15.90 -13.35
N LYS A 47 -5.12 -16.98 -14.10
CA LYS A 47 -4.58 -18.21 -13.55
C LYS A 47 -3.08 -18.06 -13.24
N GLY A 48 -2.38 -17.25 -14.03
CA GLY A 48 -0.98 -16.97 -13.75
C GLY A 48 -0.76 -16.33 -12.40
N ALA A 49 -1.76 -15.68 -11.84
CA ALA A 49 -1.64 -15.10 -10.50
C ALA A 49 -1.54 -16.15 -9.38
N PHE A 50 -2.18 -17.31 -9.56
CA PHE A 50 -2.28 -18.31 -8.47
C PHE A 50 -1.83 -19.74 -8.80
N ILE A 51 -1.79 -20.11 -10.07
CA ILE A 51 -1.42 -21.49 -10.43
C ILE A 51 0.02 -21.79 -10.01
N SER A 52 0.23 -22.97 -9.42
CA SER A 52 1.55 -23.42 -8.93
C SER A 52 2.11 -22.68 -7.71
N LYS A 53 1.37 -21.68 -7.21
CA LYS A 53 1.78 -20.92 -6.04
C LYS A 53 1.20 -21.51 -4.78
N HIS A 54 1.94 -21.43 -3.70
CA HIS A 54 1.41 -21.82 -2.42
C HIS A 54 0.20 -20.89 -2.14
N PRO A 55 -0.97 -21.47 -1.88
CA PRO A 55 -2.15 -20.60 -1.73
C PRO A 55 -2.22 -19.78 -0.42
N CYS A 56 -1.17 -19.80 0.40
CA CYS A 56 -1.02 -18.87 1.51
C CYS A 56 0.07 -17.83 1.23
N ASP A 57 0.60 -17.81 0.03
CA ASP A 57 1.70 -16.89 -0.29
C ASP A 57 1.42 -15.98 -1.48
N ILE A 58 0.14 -15.70 -1.73
CA ILE A 58 -0.24 -14.87 -2.86
C ILE A 58 0.02 -13.41 -2.52
N THR A 59 0.53 -12.68 -3.49
CA THR A 59 0.84 -11.26 -3.33
C THR A 59 -0.03 -10.39 -4.21
N GLU A 60 -0.11 -9.10 -3.91
CA GLU A 60 -0.81 -8.16 -4.80
C GLU A 60 -0.11 -8.10 -6.16
N GLU A 61 1.22 -8.20 -6.16
CA GLU A 61 1.99 -8.25 -7.42
C GLU A 61 1.54 -9.41 -8.33
N ASP A 62 1.17 -10.54 -7.74
CA ASP A 62 0.75 -11.72 -8.52
C ASP A 62 -0.42 -11.38 -9.45
N TYR A 63 -1.24 -10.41 -9.02
CA TYR A 63 -2.43 -10.02 -9.77
C TYR A 63 -2.22 -8.81 -10.70
N GLN A 64 -1.03 -8.24 -10.70
CA GLN A 64 -0.74 -7.08 -11.53
C GLN A 64 -1.00 -7.29 -13.02
N PRO A 65 -0.54 -8.43 -13.57
CA PRO A 65 -0.82 -8.59 -14.98
C PRO A 65 -2.33 -8.58 -15.24
N LEU A 66 -3.10 -9.27 -14.41
CA LEU A 66 -4.56 -9.24 -14.52
C LEU A 66 -5.11 -7.82 -14.39
N MET A 67 -4.61 -7.05 -13.42
CA MET A 67 -5.04 -5.65 -13.26
C MET A 67 -4.81 -4.85 -14.55
N LYS A 68 -3.67 -5.07 -15.20
CA LYS A 68 -3.33 -4.36 -16.45
C LYS A 68 -4.31 -4.67 -17.56
N LEU A 69 -4.52 -5.97 -17.82
CA LEU A 69 -5.47 -6.39 -18.83
C LEU A 69 -6.92 -5.97 -18.51
N GLY A 70 -7.24 -5.90 -17.23
CA GLY A 70 -8.58 -5.50 -16.80
C GLY A 70 -8.74 -4.02 -16.51
N THR A 71 -7.76 -3.21 -16.88
CA THR A 71 -7.84 -1.77 -16.66
C THR A 71 -9.11 -1.21 -17.31
N GLN A 72 -9.78 -0.31 -16.61
CA GLN A 72 -11.10 0.17 -17.02
C GLN A 72 -11.35 1.52 -16.36
N THR A 73 -11.67 2.53 -17.16
CA THR A 73 -12.09 3.79 -16.58
C THR A 73 -13.56 3.61 -16.22
N VAL A 74 -13.88 3.93 -14.98
CA VAL A 74 -15.25 3.91 -14.45
C VAL A 74 -15.60 5.37 -14.16
N PRO A 75 -16.82 5.85 -14.47
CA PRO A 75 -17.08 7.27 -14.12
C PRO A 75 -16.87 7.47 -12.64
N CYS A 76 -15.88 8.28 -12.29
CA CYS A 76 -15.37 8.31 -10.91
C CYS A 76 -16.38 8.86 -9.90
N ASN A 77 -17.33 9.63 -10.39
CA ASN A 77 -18.36 10.20 -9.50
C ASN A 77 -19.61 9.31 -9.34
N LYS A 78 -19.59 8.12 -9.90
CA LYS A 78 -20.75 7.24 -9.97
C LYS A 78 -20.52 5.95 -9.21
N ILE A 79 -19.63 5.95 -8.23
CA ILE A 79 -19.26 4.72 -7.54
C ILE A 79 -20.13 4.44 -6.31
N LEU A 80 -20.64 3.20 -6.24
CA LEU A 80 -21.32 2.71 -5.07
C LEU A 80 -20.50 1.62 -4.40
N LEU A 81 -20.03 1.91 -3.17
CA LEU A 81 -19.43 0.91 -2.30
C LEU A 81 -20.54 0.34 -1.44
N TRP A 82 -20.28 -0.78 -0.78
CA TRP A 82 -21.29 -1.41 0.07
C TRP A 82 -20.60 -2.30 1.06
N SER A 83 -21.25 -2.55 2.18
CA SER A 83 -20.71 -3.48 3.15
C SER A 83 -21.86 -4.33 3.68
N ARG A 84 -21.74 -5.65 3.54
CA ARG A 84 -22.67 -6.60 4.13
C ARG A 84 -24.11 -6.48 3.61
N ILE A 85 -24.29 -5.86 2.45
CA ILE A 85 -25.64 -5.70 1.88
C ILE A 85 -25.56 -5.84 0.35
N LYS A 86 -24.89 -6.89 -0.07
CA LYS A 86 -24.55 -7.14 -1.48
C LYS A 86 -25.76 -7.11 -2.42
N ASP A 87 -26.84 -7.75 -1.99
CA ASP A 87 -27.99 -7.98 -2.84
C ASP A 87 -28.66 -6.68 -3.26
N LEU A 88 -28.92 -5.80 -2.30
CA LEU A 88 -29.62 -4.56 -2.59
C LEU A 88 -28.77 -3.65 -3.45
N ALA A 89 -27.47 -3.61 -3.13
CA ALA A 89 -26.54 -2.81 -3.87
C ALA A 89 -26.56 -3.17 -5.36
N HIS A 90 -26.60 -4.47 -5.65
CA HIS A 90 -26.58 -4.95 -7.04
C HIS A 90 -27.92 -4.81 -7.73
N GLN A 91 -29.01 -5.05 -7.00
CA GLN A 91 -30.35 -4.71 -7.49
C GLN A 91 -30.47 -3.22 -7.82
N PHE A 92 -29.87 -2.39 -6.99
CA PHE A 92 -29.84 -0.94 -7.24
C PHE A 92 -29.13 -0.60 -8.56
N THR A 93 -27.91 -1.10 -8.75
CA THR A 93 -27.20 -0.78 -10.00
C THR A 93 -27.76 -1.49 -11.22
N GLN A 94 -28.56 -2.53 -11.01
CA GLN A 94 -29.27 -3.15 -12.10
C GLN A 94 -30.34 -2.21 -12.65
N VAL A 95 -31.02 -1.48 -11.77
CA VAL A 95 -32.04 -0.52 -12.19
C VAL A 95 -31.38 0.80 -12.62
N GLN A 96 -30.59 1.39 -11.73
CA GLN A 96 -29.91 2.63 -12.00
C GLN A 96 -28.56 2.32 -12.65
N ARG A 97 -28.56 2.01 -13.96
CA ARG A 97 -27.33 1.60 -14.68
C ARG A 97 -26.25 2.71 -14.70
N ASP A 98 -26.62 3.88 -14.22
CA ASP A 98 -25.75 5.03 -14.02
C ASP A 98 -24.60 4.75 -13.02
N MET A 99 -24.89 3.94 -12.01
CA MET A 99 -24.02 3.74 -10.86
C MET A 99 -23.37 2.37 -10.93
N PHE A 100 -22.16 2.26 -10.40
CA PHE A 100 -21.35 1.07 -10.54
C PHE A 100 -20.88 0.63 -9.16
N THR A 101 -21.08 -0.66 -8.88
CA THR A 101 -20.36 -1.31 -7.82
C THR A 101 -19.13 -1.95 -8.44
N LEU A 102 -18.27 -2.47 -7.60
CA LEU A 102 -17.06 -3.17 -8.05
C LEU A 102 -17.41 -4.37 -8.93
N GLU A 103 -18.52 -5.00 -8.62
CA GLU A 103 -18.94 -6.20 -9.34
C GLU A 103 -19.53 -5.90 -10.71
N ASP A 104 -19.73 -4.60 -10.97
CA ASP A 104 -20.12 -4.15 -12.30
C ASP A 104 -18.91 -3.82 -13.18
N THR A 105 -17.70 -3.86 -12.64
CA THR A 105 -16.46 -3.76 -13.45
C THR A 105 -16.11 -5.12 -14.05
N LEU A 106 -15.25 -5.14 -15.07
CA LEU A 106 -14.87 -6.44 -15.68
C LEU A 106 -14.32 -7.39 -14.61
N LEU A 107 -13.31 -6.96 -13.89
CA LEU A 107 -12.67 -7.85 -12.93
C LEU A 107 -13.58 -8.31 -11.80
N GLY A 108 -14.38 -7.39 -11.24
CA GLY A 108 -15.30 -7.74 -10.19
C GLY A 108 -16.34 -8.72 -10.70
N TYR A 109 -16.82 -8.49 -11.91
CA TYR A 109 -17.78 -9.37 -12.56
C TYR A 109 -17.22 -10.78 -12.79
N LEU A 110 -15.98 -10.85 -13.24
CA LEU A 110 -15.32 -12.14 -13.47
C LEU A 110 -15.30 -12.98 -12.21
N ALA A 111 -15.01 -12.35 -11.08
CA ALA A 111 -14.71 -13.05 -9.83
C ALA A 111 -15.88 -13.22 -8.87
N ASP A 112 -16.93 -12.43 -9.04
CA ASP A 112 -18.02 -12.37 -8.07
C ASP A 112 -18.58 -13.77 -7.76
N ASP A 113 -18.65 -14.09 -6.48
CA ASP A 113 -19.23 -15.34 -5.96
C ASP A 113 -18.44 -16.59 -6.32
N LEU A 114 -17.19 -16.44 -6.73
CA LEU A 114 -16.38 -17.57 -7.11
C LEU A 114 -15.30 -17.79 -6.08
N THR A 115 -14.81 -19.03 -6.02
CA THR A 115 -13.69 -19.41 -5.16
C THR A 115 -12.68 -20.09 -6.06
N TRP A 116 -11.40 -19.86 -5.79
CA TRP A 116 -10.32 -20.51 -6.54
C TRP A 116 -9.03 -20.57 -5.72
N CYS A 117 -8.25 -21.61 -5.98
CA CYS A 117 -6.88 -21.66 -5.50
C CYS A 117 -6.14 -22.80 -6.22
N GLY A 118 -4.82 -22.72 -6.18
CA GLY A 118 -3.95 -23.71 -6.76
C GLY A 118 -3.26 -24.51 -5.67
N GLU A 119 -2.20 -25.21 -6.07
CA GLU A 119 -1.43 -26.09 -5.19
C GLU A 119 0.04 -25.75 -5.43
N PHE A 120 0.87 -25.85 -4.39
CA PHE A 120 2.27 -25.48 -4.53
C PHE A 120 3.01 -26.44 -5.46
N ASP A 121 3.72 -25.87 -6.44
CA ASP A 121 4.60 -26.59 -7.37
C ASP A 121 3.90 -27.69 -8.22
N THR A 122 2.69 -27.39 -8.67
CA THR A 122 1.96 -28.22 -9.62
C THR A 122 0.97 -27.31 -10.32
N SER A 123 0.47 -27.75 -11.47
CA SER A 123 -0.35 -26.91 -12.30
C SER A 123 -1.83 -27.05 -11.97
N LYS A 124 -2.16 -27.92 -11.01
CA LYS A 124 -3.55 -28.27 -10.74
C LYS A 124 -4.29 -27.18 -9.94
N ILE A 125 -5.57 -27.09 -10.24
CA ILE A 125 -6.52 -26.30 -9.49
C ILE A 125 -7.12 -27.17 -8.39
N ASN A 126 -7.23 -26.64 -7.18
CA ASN A 126 -7.74 -27.42 -6.08
C ASN A 126 -9.23 -27.22 -5.97
N TYR A 127 -9.94 -28.26 -6.41
CA TYR A 127 -11.39 -28.31 -6.36
C TYR A 127 -11.89 -28.96 -5.06
N GLN A 128 -10.97 -29.36 -4.18
CA GLN A 128 -11.37 -30.01 -2.92
C GLN A 128 -11.52 -28.99 -1.79
N SER A 129 -10.50 -28.17 -1.58
CA SER A 129 -10.58 -27.16 -0.54
C SER A 129 -9.65 -26.01 -0.84
N CYS A 130 -9.97 -24.87 -0.22
CA CYS A 130 -9.05 -23.77 -0.17
C CYS A 130 -8.97 -22.97 1.06
N PRO A 131 -7.88 -22.21 1.19
CA PRO A 131 -7.68 -21.59 2.49
C PRO A 131 -8.82 -20.69 2.89
N ASP A 132 -9.21 -20.84 4.14
CA ASP A 132 -10.13 -19.93 4.73
C ASP A 132 -9.33 -18.75 5.29
N TRP A 133 -9.80 -17.54 5.01
CA TRP A 133 -9.14 -16.29 5.43
C TRP A 133 -8.81 -16.32 6.90
N ARG A 134 -9.78 -16.76 7.69
CA ARG A 134 -9.65 -16.67 9.11
C ARG A 134 -8.98 -17.90 9.74
N LYS A 135 -9.34 -19.10 9.29
CA LYS A 135 -8.81 -20.33 9.90
C LYS A 135 -7.42 -20.72 9.36
N ASP A 136 -7.14 -20.38 8.11
CA ASP A 136 -5.91 -20.84 7.45
C ASP A 136 -4.89 -19.73 7.26
N CYS A 137 -5.17 -18.75 6.42
CA CYS A 137 -4.20 -17.70 6.13
C CYS A 137 -4.90 -16.63 5.32
N SER A 138 -4.44 -15.40 5.48
CA SER A 138 -5.12 -14.28 4.82
C SER A 138 -4.58 -14.01 3.42
N ASN A 139 -3.35 -14.46 3.13
CA ASN A 139 -2.75 -14.19 1.82
C ASN A 139 -3.07 -15.29 0.81
N ASN A 140 -4.36 -15.55 0.66
CA ASN A 140 -4.88 -16.59 -0.22
C ASN A 140 -5.39 -15.97 -1.52
N PRO A 141 -5.55 -16.79 -2.57
CA PRO A 141 -5.84 -16.20 -3.88
C PRO A 141 -7.09 -15.29 -3.94
N VAL A 142 -8.16 -15.72 -3.29
CA VAL A 142 -9.42 -14.98 -3.28
C VAL A 142 -9.31 -13.67 -2.48
N SER A 143 -8.83 -13.73 -1.25
CA SER A 143 -8.77 -12.53 -0.40
C SER A 143 -7.80 -11.49 -0.99
N VAL A 144 -6.70 -11.93 -1.57
CA VAL A 144 -5.69 -11.01 -2.09
C VAL A 144 -6.23 -10.36 -3.37
N PHE A 145 -6.96 -11.11 -4.16
CA PHE A 145 -7.66 -10.54 -5.32
C PHE A 145 -8.58 -9.39 -4.88
N TRP A 146 -9.46 -9.64 -3.93
CA TRP A 146 -10.47 -8.65 -3.56
C TRP A 146 -9.83 -7.46 -2.88
N LYS A 147 -8.80 -7.69 -2.06
CA LYS A 147 -8.08 -6.60 -1.47
C LYS A 147 -7.49 -5.65 -2.54
N THR A 148 -6.89 -6.21 -3.58
CA THR A 148 -6.22 -5.42 -4.59
C THR A 148 -7.21 -4.68 -5.49
N VAL A 149 -8.24 -5.36 -5.94
CA VAL A 149 -9.19 -4.73 -6.82
C VAL A 149 -10.03 -3.70 -6.08
N SER A 150 -10.32 -3.94 -4.82
CA SER A 150 -11.12 -3.00 -4.04
C SER A 150 -10.29 -1.76 -3.70
N ARG A 151 -8.99 -1.92 -3.47
CA ARG A 151 -8.14 -0.76 -3.29
C ARG A 151 -8.17 0.12 -4.52
N ARG A 152 -7.90 -0.46 -5.67
CA ARG A 152 -7.88 0.28 -6.94
C ARG A 152 -9.23 0.94 -7.23
N PHE A 153 -10.32 0.23 -6.93
CA PHE A 153 -11.65 0.76 -7.15
C PHE A 153 -11.88 2.00 -6.28
N ALA A 154 -11.48 1.94 -5.02
CA ALA A 154 -11.61 3.08 -4.10
C ALA A 154 -10.73 4.29 -4.53
N GLU A 155 -9.54 4.00 -5.04
CA GLU A 155 -8.62 5.04 -5.54
C GLU A 155 -9.13 5.75 -6.79
N ALA A 156 -10.01 5.09 -7.53
CA ALA A 156 -10.59 5.68 -8.71
C ALA A 156 -11.74 6.62 -8.38
N ALA A 157 -12.25 6.58 -7.16
CA ALA A 157 -13.44 7.36 -6.84
C ALA A 157 -13.18 8.87 -6.78
N CYS A 158 -14.19 9.66 -7.15
CA CYS A 158 -14.13 11.10 -7.01
C CYS A 158 -15.47 11.66 -6.57
N ASP A 159 -15.45 12.94 -6.19
CA ASP A 159 -16.66 13.70 -5.98
C ASP A 159 -17.47 13.14 -4.82
N VAL A 160 -18.71 12.74 -5.05
CA VAL A 160 -19.47 12.12 -3.98
C VAL A 160 -19.43 10.61 -4.20
N VAL A 161 -18.90 9.90 -3.21
CA VAL A 161 -18.89 8.45 -3.21
C VAL A 161 -19.95 8.01 -2.23
N HIS A 162 -20.77 7.07 -2.66
CA HIS A 162 -21.82 6.52 -1.84
C HIS A 162 -21.44 5.14 -1.31
N VAL A 163 -21.87 4.84 -0.09
CA VAL A 163 -21.73 3.50 0.48
C VAL A 163 -23.05 3.02 1.09
N MET A 164 -23.45 1.81 0.69
CA MET A 164 -24.62 1.16 1.25
C MET A 164 -24.21 0.29 2.43
N LEU A 165 -24.85 0.51 3.59
CA LEU A 165 -24.57 -0.21 4.82
C LEU A 165 -25.83 -0.92 5.33
N ASP A 166 -25.60 -2.05 6.00
CA ASP A 166 -26.70 -2.85 6.54
C ASP A 166 -27.04 -2.45 7.97
N GLY A 167 -28.17 -1.76 8.12
CA GLY A 167 -28.60 -1.25 9.41
C GLY A 167 -29.21 -2.26 10.38
N SER A 168 -29.29 -3.54 9.97
CA SER A 168 -29.75 -4.63 10.86
C SER A 168 -28.57 -5.32 11.55
N ARG A 169 -27.37 -5.02 11.12
CA ARG A 169 -26.14 -5.52 11.73
C ARG A 169 -25.88 -4.93 13.09
N SER A 170 -25.19 -5.68 13.95
CA SER A 170 -24.74 -5.15 15.24
C SER A 170 -23.66 -4.07 15.04
N LYS A 171 -22.82 -4.25 14.02
CA LYS A 171 -21.89 -3.20 13.59
C LYS A 171 -22.30 -2.71 12.21
N ILE A 172 -23.03 -1.60 12.17
CA ILE A 172 -23.50 -1.03 10.89
C ILE A 172 -22.31 -0.65 10.01
N PHE A 173 -21.34 0.05 10.60
CA PHE A 173 -20.00 0.20 10.02
C PHE A 173 -19.05 -0.67 10.80
N ASP A 174 -18.39 -1.58 10.10
CA ASP A 174 -17.44 -2.49 10.72
C ASP A 174 -16.07 -2.17 10.18
N LYS A 175 -15.23 -1.61 11.05
CA LYS A 175 -13.85 -1.23 10.66
C LYS A 175 -13.02 -2.39 10.12
N ASP A 176 -13.42 -3.62 10.44
CA ASP A 176 -12.70 -4.81 9.98
C ASP A 176 -13.21 -5.37 8.66
N SER A 177 -14.25 -4.77 8.09
CA SER A 177 -14.73 -5.19 6.80
C SER A 177 -13.76 -4.72 5.71
N THR A 178 -13.90 -5.27 4.53
CA THR A 178 -13.19 -4.77 3.36
C THR A 178 -13.47 -3.28 3.15
N PHE A 179 -14.73 -2.86 3.31
CA PHE A 179 -15.04 -1.49 3.16
C PHE A 179 -14.28 -0.65 4.20
N GLY A 180 -14.37 -1.05 5.46
CA GLY A 180 -13.75 -0.31 6.55
C GLY A 180 -12.23 -0.41 6.60
N SER A 181 -11.66 -1.57 6.25
CA SER A 181 -10.21 -1.76 6.36
C SER A 181 -9.42 -1.35 5.10
N VAL A 182 -10.07 -1.37 3.93
CA VAL A 182 -9.38 -1.11 2.67
C VAL A 182 -9.96 0.12 1.98
N GLU A 183 -11.24 0.13 1.73
CA GLU A 183 -11.82 1.16 0.88
C GLU A 183 -11.80 2.52 1.56
N VAL A 184 -12.15 2.62 2.83
CA VAL A 184 -12.25 3.96 3.39
C VAL A 184 -10.88 4.64 3.38
N HIS A 185 -9.83 3.83 3.54
CA HIS A 185 -8.47 4.36 3.65
C HIS A 185 -7.81 4.63 2.32
N ASN A 186 -8.45 4.19 1.23
CA ASN A 186 -7.92 4.42 -0.10
C ASN A 186 -8.71 5.38 -0.96
N LEU A 187 -9.77 5.99 -0.41
CA LEU A 187 -10.36 7.15 -1.04
C LEU A 187 -9.32 8.28 -1.05
N GLN A 188 -9.26 9.05 -2.14
CA GLN A 188 -8.23 10.12 -2.25
C GLN A 188 -8.86 11.47 -1.87
N PRO A 189 -8.43 12.06 -0.74
CA PRO A 189 -8.91 13.33 -0.25
C PRO A 189 -8.82 14.47 -1.26
N GLU A 190 -7.90 14.36 -2.22
CA GLU A 190 -7.74 15.38 -3.24
C GLU A 190 -8.97 15.36 -4.18
N LYS A 191 -9.54 14.18 -4.39
CA LYS A 191 -10.58 13.93 -5.40
C LYS A 191 -11.97 13.77 -4.82
N VAL A 192 -12.05 13.24 -3.61
CA VAL A 192 -13.34 12.85 -3.04
C VAL A 192 -13.78 13.95 -2.10
N GLN A 193 -14.93 14.53 -2.40
CA GLN A 193 -15.47 15.64 -1.64
C GLN A 193 -16.30 15.11 -0.49
N THR A 194 -17.06 14.05 -0.74
CA THR A 194 -17.97 13.54 0.27
C THR A 194 -18.11 12.01 0.23
N LEU A 195 -18.15 11.37 1.38
CA LEU A 195 -18.59 9.99 1.46
C LEU A 195 -19.98 10.04 2.09
N GLU A 196 -20.95 9.55 1.34
CA GLU A 196 -22.33 9.53 1.81
C GLU A 196 -22.78 8.11 2.06
N ALA A 197 -23.16 7.82 3.30
CA ALA A 197 -23.65 6.51 3.70
C ALA A 197 -25.18 6.40 3.57
N TRP A 198 -25.64 5.29 3.01
CA TRP A 198 -27.03 4.94 2.96
C TRP A 198 -27.20 3.75 3.89
N VAL A 199 -27.83 3.99 5.04
CA VAL A 199 -28.02 2.94 6.03
C VAL A 199 -29.38 2.29 5.78
N ILE A 200 -29.36 1.01 5.40
CA ILE A 200 -30.55 0.29 4.98
C ILE A 200 -31.18 -0.43 6.18
N HIS A 201 -32.46 -0.16 6.42
CA HIS A 201 -33.18 -0.74 7.56
C HIS A 201 -33.73 -2.11 7.23
N GLY A 202 -33.93 -2.93 8.25
CA GLY A 202 -34.79 -4.13 8.19
C GLY A 202 -35.93 -3.98 9.16
N ARG A 208 -36.31 5.00 13.93
CA ARG A 208 -34.91 5.00 14.38
C ARG A 208 -34.02 5.80 13.41
N ASP A 209 -33.19 6.69 13.96
CA ASP A 209 -32.17 7.38 13.15
C ASP A 209 -30.83 6.65 13.26
N LEU A 210 -30.65 5.64 12.41
CA LEU A 210 -29.43 4.83 12.47
C LEU A 210 -28.16 5.61 12.09
N CYS A 211 -28.32 6.81 11.52
CA CYS A 211 -27.18 7.70 11.30
C CYS A 211 -26.59 8.27 12.60
N GLN A 212 -27.27 8.04 13.72
CA GLN A 212 -26.74 8.40 15.03
C GLN A 212 -26.10 7.21 15.74
N ASP A 213 -26.08 6.05 15.09
CA ASP A 213 -25.45 4.87 15.68
C ASP A 213 -23.98 5.14 15.96
N PRO A 214 -23.44 4.59 17.07
CA PRO A 214 -22.03 4.83 17.40
C PRO A 214 -21.03 4.45 16.31
N THR A 215 -21.29 3.41 15.54
CA THR A 215 -20.35 3.02 14.47
C THR A 215 -20.37 3.99 13.29
N ILE A 216 -21.53 4.58 13.01
CA ILE A 216 -21.63 5.60 11.96
C ILE A 216 -20.87 6.87 12.40
N LYS A 217 -20.96 7.18 13.68
CA LYS A 217 -20.21 8.28 14.28
C LYS A 217 -18.71 8.07 14.18
N GLU A 218 -18.30 6.83 14.41
CA GLU A 218 -16.91 6.45 14.22
C GLU A 218 -16.49 6.61 12.75
N LEU A 219 -17.32 6.11 11.82
CA LEU A 219 -17.05 6.27 10.40
C LEU A 219 -16.91 7.75 10.06
N GLU A 220 -17.82 8.55 10.62
CA GLU A 220 -17.83 10.00 10.41
C GLU A 220 -16.53 10.65 10.87
N SER A 221 -16.09 10.29 12.06
CA SER A 221 -14.85 10.83 12.58
C SER A 221 -13.66 10.45 11.69
N ILE A 222 -13.57 9.19 11.29
CA ILE A 222 -12.45 8.68 10.46
C ILE A 222 -12.36 9.42 9.13
N ILE A 223 -13.49 9.51 8.44
CA ILE A 223 -13.55 10.18 7.15
C ILE A 223 -13.21 11.66 7.28
N SER A 224 -13.77 12.33 8.30
CA SER A 224 -13.53 13.77 8.53
C SER A 224 -12.06 14.06 8.73
N LYS A 225 -11.42 13.19 9.51
CA LYS A 225 -10.00 13.33 9.81
C LYS A 225 -9.13 13.10 8.55
N ARG A 226 -9.67 12.48 7.51
CA ARG A 226 -8.95 12.41 6.24
C ARG A 226 -9.22 13.63 5.34
N ASN A 227 -10.00 14.59 5.86
CA ASN A 227 -10.42 15.79 5.11
C ASN A 227 -11.37 15.47 3.99
N ILE A 228 -12.32 14.58 4.30
CA ILE A 228 -13.42 14.27 3.41
C ILE A 228 -14.69 14.49 4.24
N GLN A 229 -15.72 15.03 3.58
CA GLN A 229 -16.98 15.29 4.26
C GLN A 229 -17.78 14.01 4.39
N PHE A 230 -18.56 13.91 5.47
CA PHE A 230 -19.40 12.76 5.69
C PHE A 230 -20.88 13.16 5.67
N SER A 231 -21.69 12.34 5.01
CA SER A 231 -23.15 12.52 5.04
C SER A 231 -23.76 11.14 5.26
N CYS A 232 -24.93 11.12 5.83
CA CYS A 232 -25.62 9.87 6.11
C CYS A 232 -27.12 10.03 5.90
N LYS A 233 -27.77 9.00 5.37
CA LYS A 233 -29.20 8.99 5.13
C LYS A 233 -29.75 7.63 5.49
N ASN A 234 -30.94 7.62 6.09
CA ASN A 234 -31.62 6.37 6.38
C ASN A 234 -32.36 5.95 5.14
N ILE A 235 -32.44 4.66 4.88
CA ILE A 235 -33.39 4.15 3.91
C ILE A 235 -34.33 3.27 4.69
N TYR A 236 -35.48 3.82 5.06
CA TYR A 236 -36.42 3.15 5.94
C TYR A 236 -37.11 1.98 5.27
N ARG A 237 -37.39 2.11 3.98
CA ARG A 237 -38.14 1.10 3.25
C ARG A 237 -37.42 0.75 1.96
N PRO A 238 -36.61 -0.32 2.00
CA PRO A 238 -35.79 -0.77 0.88
C PRO A 238 -36.61 -1.07 -0.36
N ASP A 239 -37.76 -1.72 -0.15
CA ASP A 239 -38.68 -2.03 -1.23
C ASP A 239 -39.16 -0.75 -1.93
N LYS A 240 -39.64 0.21 -1.14
CA LYS A 240 -40.07 1.50 -1.70
C LYS A 240 -38.90 2.27 -2.33
N PHE A 241 -37.72 2.11 -1.75
CA PHE A 241 -36.50 2.67 -2.32
C PHE A 241 -36.32 2.18 -3.76
N LEU A 242 -36.29 0.87 -3.94
CA LEU A 242 -36.10 0.27 -5.27
C LEU A 242 -37.23 0.64 -6.22
N GLN A 243 -38.45 0.70 -5.68
CA GLN A 243 -39.62 1.19 -6.40
C GLN A 243 -39.38 2.56 -7.01
N CYS A 244 -38.90 3.50 -6.19
CA CYS A 244 -38.63 4.88 -6.62
C CYS A 244 -37.39 4.98 -7.53
N VAL A 245 -36.42 4.12 -7.30
CA VAL A 245 -35.24 4.10 -8.18
C VAL A 245 -35.69 3.73 -9.58
N LYS A 246 -36.60 2.77 -9.67
CA LYS A 246 -37.19 2.35 -10.92
C LYS A 246 -38.19 3.37 -11.52
N ASN A 247 -39.01 3.99 -10.66
CA ASN A 247 -40.07 4.92 -11.10
C ASN A 247 -39.95 6.27 -10.39
N PRO A 248 -38.80 6.96 -10.54
CA PRO A 248 -38.46 8.13 -9.69
C PRO A 248 -39.29 9.41 -9.88
N GLU A 249 -39.79 9.64 -11.09
CA GLU A 249 -40.67 10.80 -11.36
C GLU A 249 -41.94 10.83 -10.50
N ASP A 250 -42.32 9.71 -9.89
CA ASP A 250 -43.41 9.68 -8.89
C ASP A 250 -43.38 10.85 -7.90
N SER A 251 -44.57 11.41 -7.64
CA SER A 251 -44.75 12.41 -6.59
C SER A 251 -44.40 11.79 -5.25
N SER A 252 -44.84 10.54 -5.08
CA SER A 252 -44.50 9.71 -3.94
C SER A 252 -43.00 9.47 -3.67
N CYS A 253 -42.09 10.11 -4.42
CA CYS A 253 -40.64 9.80 -4.31
C CYS A 253 -39.76 11.03 -4.03
N GLU B 1 -11.66 -8.02 22.97
CA GLU B 1 -10.72 -6.88 23.13
C GLU B 1 -9.30 -7.34 23.49
N PHE B 2 -9.08 -7.68 24.77
CA PHE B 2 -7.71 -7.77 25.32
C PHE B 2 -6.86 -8.89 24.73
N TRP B 3 -7.51 -9.92 24.19
CA TRP B 3 -6.82 -11.08 23.58
C TRP B 3 -6.43 -10.87 22.11
N ARG B 4 -6.82 -9.72 21.55
CA ARG B 4 -6.68 -9.43 20.13
C ARG B 4 -5.86 -8.15 19.96
N GLN B 5 -5.18 -8.06 18.84
CA GLN B 5 -4.35 -6.92 18.56
C GLN B 5 -4.93 -6.27 17.34
N THR B 6 -4.84 -4.95 17.28
CA THR B 6 -5.50 -4.22 16.21
C THR B 6 -4.79 -4.52 14.89
N TRP B 7 -3.45 -4.64 14.89
CA TRP B 7 -2.65 -4.74 13.66
C TRP B 7 -1.77 -6.00 13.55
N SER B 8 -1.23 -6.27 12.34
CA SER B 8 -0.39 -7.45 12.10
C SER B 8 1.11 -7.21 12.34
N GLY B 9 1.54 -5.95 12.40
CA GLY B 9 2.98 -5.70 12.53
C GLY B 9 3.42 -5.44 13.94
N PRO B 10 4.74 -5.47 14.16
CA PRO B 10 5.19 -5.10 15.50
C PRO B 10 4.67 -3.71 15.97
N GLY B 11 4.51 -3.56 17.27
CA GLY B 11 4.10 -2.29 17.85
C GLY B 11 5.28 -1.35 17.95
N THR B 12 4.99 -0.19 18.52
CA THR B 12 6.00 0.82 18.75
C THR B 12 7.10 0.27 19.65
N THR B 13 8.35 0.56 19.26
CA THR B 13 9.53 0.13 20.04
C THR B 13 9.41 0.65 21.42
N LYS B 14 9.73 -0.23 22.38
CA LYS B 14 9.73 0.13 23.77
C LYS B 14 10.55 1.40 24.01
N ARG B 15 10.00 2.32 24.79
CA ARG B 15 10.67 3.60 25.11
C ARG B 15 11.07 4.38 23.86
N PHE B 16 10.19 4.36 22.88
CA PHE B 16 10.42 5.04 21.62
C PHE B 16 10.69 6.57 21.83
N PRO B 17 9.86 7.27 22.63
CA PRO B 17 10.09 8.73 22.82
C PRO B 17 11.47 9.04 23.39
N GLU B 18 11.83 8.33 24.45
CA GLU B 18 13.13 8.49 25.09
C GLU B 18 14.27 8.15 24.13
N THR B 19 14.07 7.12 23.32
CA THR B 19 15.09 6.69 22.37
C THR B 19 15.33 7.74 21.29
N VAL B 20 14.24 8.26 20.72
CA VAL B 20 14.35 9.33 19.72
C VAL B 20 15.10 10.53 20.27
N LEU B 21 14.72 10.96 21.47
CA LEU B 21 15.35 12.10 22.11
C LEU B 21 16.84 11.87 22.35
N ALA B 22 17.19 10.73 22.94
CA ALA B 22 18.59 10.40 23.21
C ALA B 22 19.39 10.24 21.91
N ARG B 23 18.78 9.70 20.85
CA ARG B 23 19.48 9.63 19.55
C ARG B 23 19.73 11.03 18.98
N CYS B 24 18.76 11.92 19.14
CA CYS B 24 18.92 13.31 18.68
C CYS B 24 20.12 13.97 19.40
N VAL B 25 20.15 13.83 20.73
CA VAL B 25 21.24 14.36 21.54
C VAL B 25 22.57 13.76 21.06
N LYS B 26 22.61 12.43 20.90
CA LYS B 26 23.83 11.73 20.49
C LYS B 26 24.33 12.16 19.09
N TYR B 27 23.40 12.32 18.15
CA TYR B 27 23.71 12.78 16.79
C TYR B 27 24.41 14.13 16.82
N THR B 28 23.84 15.06 17.56
CA THR B 28 24.40 16.40 17.67
C THR B 28 25.78 16.36 18.36
N GLU B 29 26.00 15.39 19.23
CA GLU B 29 27.33 15.15 19.84
C GLU B 29 28.35 14.58 18.84
N ILE B 30 27.89 13.76 17.92
CA ILE B 30 28.78 13.05 16.99
C ILE B 30 29.15 13.98 15.82
N HIS B 31 28.21 14.83 15.42
CA HIS B 31 28.47 15.88 14.45
C HIS B 31 28.33 17.26 15.10
N PRO B 32 29.31 17.66 15.94
CA PRO B 32 29.33 18.98 16.58
C PRO B 32 29.32 20.17 15.61
N GLU B 33 29.96 20.01 14.45
CA GLU B 33 30.14 21.11 13.50
C GLU B 33 28.81 21.52 12.90
N MET B 34 27.93 20.54 12.77
CA MET B 34 26.64 20.75 12.14
C MET B 34 25.80 21.68 13.01
N ARG B 35 24.87 22.39 12.37
CA ARG B 35 24.11 23.45 13.03
C ARG B 35 23.26 22.91 14.19
N HIS B 36 22.92 23.81 15.11
CA HIS B 36 22.20 23.43 16.34
C HIS B 36 20.76 23.04 16.05
N VAL B 37 20.32 21.94 16.64
CA VAL B 37 18.93 21.51 16.58
C VAL B 37 18.35 21.40 18.01
N ASP B 38 17.08 21.76 18.14
CA ASP B 38 16.37 21.65 19.40
C ASP B 38 15.72 20.27 19.42
N CYS B 39 16.28 19.37 20.20
CA CYS B 39 15.90 17.96 20.17
C CYS B 39 14.47 17.73 20.71
N GLN B 40 14.05 18.54 21.68
CA GLN B 40 12.66 18.54 22.14
C GLN B 40 11.68 18.96 21.04
N SER B 41 12.04 19.98 20.27
CA SER B 41 11.18 20.43 19.18
C SER B 41 11.12 19.37 18.06
N VAL B 42 12.26 18.73 17.80
CA VAL B 42 12.28 17.61 16.85
C VAL B 42 11.32 16.53 17.26
N TRP B 43 11.37 16.12 18.53
CA TRP B 43 10.45 15.11 19.04
C TRP B 43 9.00 15.57 18.94
N ASP B 44 8.74 16.79 19.39
CA ASP B 44 7.39 17.37 19.27
C ASP B 44 6.85 17.28 17.84
N ALA B 45 7.66 17.67 16.86
CA ALA B 45 7.22 17.61 15.46
C ALA B 45 7.03 16.15 14.99
N PHE B 46 7.89 15.26 15.48
CA PHE B 46 7.84 13.86 15.06
C PHE B 46 6.53 13.24 15.55
N LYS B 47 6.28 13.30 16.85
CA LYS B 47 5.03 12.72 17.36
C LYS B 47 3.81 13.42 16.78
N GLY B 48 3.92 14.72 16.53
CA GLY B 48 2.84 15.45 15.88
C GLY B 48 2.44 14.89 14.52
N ALA B 49 3.36 14.25 13.82
CA ALA B 49 3.04 13.62 12.54
C ALA B 49 2.06 12.43 12.62
N PHE B 50 2.06 11.71 13.75
CA PHE B 50 1.27 10.45 13.83
C PHE B 50 0.36 10.31 15.05
N ILE B 51 0.59 11.07 16.11
CA ILE B 51 -0.24 10.94 17.32
C ILE B 51 -1.69 11.30 17.00
N SER B 52 -2.63 10.51 17.50
CA SER B 52 -4.07 10.70 17.29
C SER B 52 -4.60 10.45 15.88
N LYS B 53 -3.72 10.13 14.95
CA LYS B 53 -4.13 9.86 13.59
C LYS B 53 -4.34 8.38 13.37
N HIS B 54 -5.33 8.06 12.54
CA HIS B 54 -5.55 6.70 12.14
C HIS B 54 -4.30 6.24 11.43
N PRO B 55 -3.71 5.13 11.89
CA PRO B 55 -2.39 4.78 11.36
C PRO B 55 -2.39 4.19 9.95
N CYS B 56 -3.53 4.18 9.27
CA CYS B 56 -3.61 3.89 7.86
C CYS B 56 -3.86 5.16 7.03
N ASP B 57 -3.87 6.32 7.66
CA ASP B 57 -4.23 7.57 6.98
C ASP B 57 -3.13 8.63 7.07
N ILE B 58 -1.91 8.19 7.26
CA ILE B 58 -0.80 9.14 7.38
C ILE B 58 -0.46 9.67 6.00
N THR B 59 -0.15 10.96 5.92
CA THR B 59 0.27 11.56 4.67
C THR B 59 1.70 12.11 4.74
N GLU B 60 2.27 12.42 3.60
CA GLU B 60 3.58 13.07 3.58
C GLU B 60 3.53 14.45 4.28
N GLU B 61 2.43 15.17 4.08
CA GLU B 61 2.23 16.48 4.72
C GLU B 61 2.33 16.38 6.26
N ASP B 62 1.87 15.26 6.83
CA ASP B 62 1.95 15.06 8.26
C ASP B 62 3.40 15.18 8.79
N TYR B 63 4.37 14.82 7.95
CA TYR B 63 5.79 14.86 8.32
C TYR B 63 6.54 16.15 7.95
N GLN B 64 5.86 17.08 7.29
CA GLN B 64 6.47 18.33 6.87
C GLN B 64 7.11 19.13 7.99
N PRO B 65 6.41 19.30 9.11
CA PRO B 65 7.08 20.03 10.18
C PRO B 65 8.38 19.35 10.60
N LEU B 66 8.37 18.03 10.73
CA LEU B 66 9.59 17.30 11.06
C LEU B 66 10.65 17.49 10.00
N MET B 67 10.27 17.45 8.72
CA MET B 67 11.24 17.64 7.63
C MET B 67 11.90 19.02 7.77
N LYS B 68 11.11 20.03 8.14
CA LYS B 68 11.61 21.39 8.31
C LYS B 68 12.66 21.48 9.43
N LEU B 69 12.31 20.99 10.61
CA LEU B 69 13.28 20.96 11.72
C LEU B 69 14.49 20.09 11.44
N GLY B 70 14.32 19.01 10.68
CA GLY B 70 15.42 18.10 10.35
C GLY B 70 16.11 18.43 9.04
N THR B 71 15.84 19.61 8.48
CA THR B 71 16.54 20.05 7.28
C THR B 71 18.04 20.04 7.53
N GLN B 72 18.78 19.58 6.52
CA GLN B 72 20.21 19.35 6.67
C GLN B 72 20.82 19.33 5.28
N THR B 73 21.86 20.11 5.06
CA THR B 73 22.64 19.90 3.86
C THR B 73 23.69 18.87 4.21
N VAL B 74 23.70 17.79 3.45
CA VAL B 74 24.86 16.92 3.42
C VAL B 74 25.43 17.03 2.01
N PRO B 75 26.74 16.86 1.93
CA PRO B 75 27.42 17.05 0.66
C PRO B 75 26.76 16.18 -0.41
N CYS B 76 26.14 16.83 -1.40
CA CYS B 76 25.27 16.15 -2.35
C CYS B 76 26.03 15.14 -3.22
N ASN B 77 27.34 15.32 -3.35
CA ASN B 77 28.16 14.41 -4.15
C ASN B 77 28.75 13.24 -3.36
N LYS B 78 28.34 13.11 -2.10
CA LYS B 78 28.91 12.11 -1.21
C LYS B 78 27.85 11.13 -0.72
N ILE B 79 26.80 10.95 -1.50
CA ILE B 79 25.67 10.12 -1.07
C ILE B 79 25.82 8.64 -1.45
N LEU B 80 25.57 7.77 -0.47
CA LEU B 80 25.51 6.34 -0.68
C LEU B 80 24.09 5.84 -0.43
N LEU B 81 23.44 5.36 -1.49
CA LEU B 81 22.16 4.66 -1.38
C LEU B 81 22.50 3.16 -1.25
N TRP B 82 21.52 2.36 -0.86
CA TRP B 82 21.71 0.92 -0.71
C TRP B 82 20.36 0.24 -0.80
N SER B 83 20.38 -1.04 -1.14
CA SER B 83 19.14 -1.83 -1.14
C SER B 83 19.45 -3.21 -0.58
N ARG B 84 18.79 -3.60 0.50
CA ARG B 84 18.90 -4.97 1.00
C ARG B 84 20.27 -5.33 1.56
N ILE B 85 21.13 -4.34 1.82
CA ILE B 85 22.48 -4.59 2.33
C ILE B 85 22.88 -3.47 3.32
N LYS B 86 21.96 -3.23 4.25
CA LYS B 86 22.06 -2.17 5.23
C LYS B 86 23.35 -2.18 6.03
N ASP B 87 23.76 -3.37 6.48
CA ASP B 87 24.86 -3.50 7.43
C ASP B 87 26.18 -3.05 6.84
N LEU B 88 26.49 -3.50 5.63
CA LEU B 88 27.79 -3.18 5.02
C LEU B 88 27.85 -1.70 4.68
N ALA B 89 26.72 -1.19 4.19
CA ALA B 89 26.62 0.21 3.83
C ALA B 89 26.97 1.11 5.03
N HIS B 90 26.47 0.73 6.20
CA HIS B 90 26.71 1.52 7.41
C HIS B 90 28.09 1.33 7.98
N GLN B 91 28.59 0.09 7.94
CA GLN B 91 29.99 -0.18 8.27
C GLN B 91 30.94 0.62 7.36
N PHE B 92 30.58 0.73 6.09
CA PHE B 92 31.36 1.55 5.14
C PHE B 92 31.39 3.03 5.55
N THR B 93 30.23 3.64 5.80
CA THR B 93 30.24 5.07 6.19
C THR B 93 30.76 5.31 7.62
N GLN B 94 30.82 4.25 8.43
CA GLN B 94 31.47 4.34 9.73
C GLN B 94 32.97 4.54 9.57
N VAL B 95 33.55 3.87 8.58
CA VAL B 95 34.98 4.02 8.30
C VAL B 95 35.25 5.24 7.43
N GLN B 96 34.60 5.31 6.27
CA GLN B 96 34.76 6.41 5.35
C GLN B 96 33.76 7.50 5.72
N ARG B 97 34.08 8.30 6.74
CA ARG B 97 33.16 9.33 7.28
C ARG B 97 32.84 10.42 6.25
N ASP B 98 33.53 10.36 5.12
CA ASP B 98 33.30 11.20 3.94
C ASP B 98 31.89 11.02 3.34
N MET B 99 31.38 9.80 3.40
CA MET B 99 30.18 9.40 2.67
C MET B 99 29.01 9.23 3.62
N PHE B 100 27.81 9.46 3.11
CA PHE B 100 26.61 9.48 3.93
C PHE B 100 25.54 8.58 3.32
N THR B 101 24.99 7.69 4.15
CA THR B 101 23.72 7.04 3.85
C THR B 101 22.62 7.88 4.47
N LEU B 102 21.39 7.55 4.16
CA LEU B 102 20.24 8.24 4.75
C LEU B 102 20.26 8.14 6.28
N GLU B 103 20.73 7.00 6.78
CA GLU B 103 20.75 6.75 8.21
C GLU B 103 21.87 7.50 8.92
N ASP B 104 22.77 8.11 8.13
CA ASP B 104 23.76 9.02 8.69
C ASP B 104 23.26 10.48 8.73
N THR B 105 22.06 10.77 8.21
CA THR B 105 21.42 12.09 8.40
C THR B 105 20.71 12.10 9.72
N LEU B 106 20.36 13.29 10.19
CA LEU B 106 19.70 13.36 11.48
C LEU B 106 18.44 12.51 11.47
N LEU B 107 17.53 12.79 10.53
CA LEU B 107 16.23 12.09 10.52
C LEU B 107 16.34 10.58 10.34
N GLY B 108 17.22 10.14 9.46
CA GLY B 108 17.42 8.70 9.24
C GLY B 108 18.03 8.03 10.46
N TYR B 109 18.99 8.68 11.09
CA TYR B 109 19.59 8.23 12.35
C TYR B 109 18.55 8.11 13.49
N LEU B 110 17.68 9.11 13.61
CA LEU B 110 16.64 9.07 14.62
C LEU B 110 15.75 7.84 14.48
N ALA B 111 15.35 7.52 13.25
CA ALA B 111 14.29 6.54 12.99
C ALA B 111 14.79 5.10 12.72
N ASP B 112 16.06 4.97 12.38
CA ASP B 112 16.60 3.67 11.93
C ASP B 112 16.29 2.53 12.91
N ASP B 113 15.68 1.47 12.39
CA ASP B 113 15.35 0.25 13.15
C ASP B 113 14.25 0.42 14.19
N LEU B 114 13.48 1.48 14.10
CA LEU B 114 12.47 1.72 15.08
C LEU B 114 11.12 1.55 14.42
N THR B 115 10.14 1.27 15.25
CA THR B 115 8.74 1.19 14.80
C THR B 115 7.91 2.11 15.67
N TRP B 116 6.89 2.73 15.10
CA TRP B 116 6.01 3.61 15.81
C TRP B 116 4.64 3.76 15.15
N CYS B 117 3.61 3.97 15.96
CA CYS B 117 2.29 4.36 15.46
C CYS B 117 1.42 4.80 16.61
N GLY B 118 0.36 5.52 16.28
CA GLY B 118 -0.58 5.99 17.28
C GLY B 118 -1.88 5.24 17.13
N GLU B 119 -2.93 5.80 17.71
CA GLU B 119 -4.27 5.24 17.72
C GLU B 119 -5.20 6.37 17.32
N PHE B 120 -6.26 6.02 16.60
CA PHE B 120 -7.17 7.04 16.12
C PHE B 120 -7.85 7.72 17.30
N ASP B 121 -7.79 9.04 17.31
CA ASP B 121 -8.51 9.92 18.24
C ASP B 121 -8.17 9.69 19.71
N THR B 122 -6.89 9.39 19.96
CA THR B 122 -6.38 9.00 21.25
C THR B 122 -4.99 9.60 21.26
N SER B 123 -4.48 10.05 22.40
CA SER B 123 -3.12 10.60 22.42
C SER B 123 -2.09 9.50 22.64
N LYS B 124 -2.54 8.25 22.75
CA LYS B 124 -1.68 7.13 23.12
C LYS B 124 -0.84 6.62 21.97
N ILE B 125 0.35 6.14 22.31
CA ILE B 125 1.22 5.43 21.42
C ILE B 125 0.89 3.94 21.52
N ASN B 126 0.83 3.26 20.38
CA ASN B 126 0.46 1.83 20.40
C ASN B 126 1.72 1.00 20.45
N TYR B 127 1.95 0.44 21.62
CA TYR B 127 3.10 -0.41 21.89
C TYR B 127 2.76 -1.86 21.66
N GLN B 128 1.52 -2.16 21.26
CA GLN B 128 1.13 -3.57 21.08
C GLN B 128 1.34 -4.00 19.65
N SER B 129 0.84 -3.20 18.71
CA SER B 129 0.99 -3.56 17.32
C SER B 129 0.84 -2.34 16.43
N CYS B 130 1.40 -2.43 15.22
CA CYS B 130 1.27 -1.41 14.21
C CYS B 130 1.09 -1.97 12.85
N PRO B 131 0.56 -1.15 11.93
CA PRO B 131 0.19 -1.71 10.67
C PRO B 131 1.37 -2.27 9.93
N ASP B 132 1.14 -3.43 9.35
CA ASP B 132 2.12 -4.03 8.46
C ASP B 132 1.80 -3.53 7.06
N TRP B 133 2.83 -3.05 6.40
CA TRP B 133 2.77 -2.46 5.09
C TRP B 133 1.98 -3.33 4.13
N ARG B 134 2.27 -4.62 4.13
CA ARG B 134 1.67 -5.53 3.18
C ARG B 134 0.31 -6.05 3.65
N LYS B 135 0.19 -6.45 4.91
CA LYS B 135 -1.02 -7.11 5.39
C LYS B 135 -2.13 -6.12 5.79
N ASP B 136 -1.74 -4.93 6.23
CA ASP B 136 -2.72 -3.97 6.78
C ASP B 136 -2.91 -2.78 5.83
N CYS B 137 -1.92 -1.91 5.67
CA CYS B 137 -2.09 -0.72 4.86
C CYS B 137 -0.74 -0.07 4.68
N SER B 138 -0.55 0.60 3.55
CA SER B 138 0.75 1.12 3.22
C SER B 138 0.96 2.55 3.74
N ASN B 139 -0.12 3.28 4.05
CA ASN B 139 0.00 4.68 4.51
C ASN B 139 0.06 4.76 6.02
N ASN B 140 1.04 4.05 6.56
CA ASN B 140 1.23 3.97 7.96
C ASN B 140 2.41 4.85 8.38
N PRO B 141 2.53 5.10 9.69
CA PRO B 141 3.52 6.13 10.13
C PRO B 141 4.98 5.86 9.76
N VAL B 142 5.41 4.61 9.84
CA VAL B 142 6.75 4.20 9.48
C VAL B 142 6.98 4.27 7.99
N SER B 143 6.12 3.64 7.19
CA SER B 143 6.33 3.60 5.75
C SER B 143 6.28 5.02 5.11
N VAL B 144 5.38 5.86 5.59
CA VAL B 144 5.22 7.20 5.02
C VAL B 144 6.41 8.05 5.39
N PHE B 145 6.93 7.87 6.61
CA PHE B 145 8.17 8.53 7.01
C PHE B 145 9.32 8.19 6.04
N TRP B 146 9.57 6.91 5.81
CA TRP B 146 10.72 6.50 5.01
C TRP B 146 10.53 6.91 3.55
N LYS B 147 9.30 6.80 3.04
CA LYS B 147 9.03 7.24 1.68
C LYS B 147 9.37 8.74 1.49
N THR B 148 8.98 9.56 2.46
CA THR B 148 9.17 11.00 2.36
C THR B 148 10.64 11.37 2.51
N VAL B 149 11.31 10.78 3.50
CA VAL B 149 12.69 11.15 3.73
C VAL B 149 13.59 10.60 2.66
N SER B 150 13.29 9.41 2.15
CA SER B 150 14.12 8.84 1.12
C SER B 150 13.92 9.59 -0.22
N ARG B 151 12.70 10.09 -0.49
CA ARG B 151 12.49 10.92 -1.67
C ARG B 151 13.35 12.17 -1.61
N ARG B 152 13.25 12.90 -0.51
CA ARG B 152 14.03 14.12 -0.32
C ARG B 152 15.52 13.85 -0.42
N PHE B 153 15.97 12.75 0.18
CA PHE B 153 17.38 12.40 0.17
C PHE B 153 17.85 12.19 -1.27
N ALA B 154 17.06 11.47 -2.06
CA ALA B 154 17.39 11.22 -3.47
C ALA B 154 17.41 12.52 -4.31
N GLU B 155 16.46 13.41 -4.04
CA GLU B 155 16.39 14.71 -4.72
C GLU B 155 17.59 15.62 -4.39
N ALA B 156 18.19 15.43 -3.23
CA ALA B 156 19.36 16.20 -2.81
C ALA B 156 20.63 15.70 -3.47
N ALA B 157 20.63 14.51 -4.08
CA ALA B 157 21.87 13.95 -4.60
C ALA B 157 22.35 14.70 -5.83
N CYS B 158 23.67 14.76 -5.98
CA CYS B 158 24.26 15.36 -7.15
C CYS B 158 25.47 14.56 -7.60
N ASP B 159 25.91 14.84 -8.82
CA ASP B 159 27.19 14.39 -9.27
C ASP B 159 27.24 12.86 -9.45
N VAL B 160 28.15 12.16 -8.78
CA VAL B 160 28.14 10.71 -8.83
C VAL B 160 27.45 10.24 -7.55
N VAL B 161 26.35 9.50 -7.73
CA VAL B 161 25.66 8.86 -6.64
C VAL B 161 26.00 7.37 -6.70
N HIS B 162 26.38 6.82 -5.55
CA HIS B 162 26.68 5.40 -5.45
C HIS B 162 25.52 4.64 -4.78
N VAL B 163 25.32 3.38 -5.21
CA VAL B 163 24.33 2.50 -4.58
C VAL B 163 24.93 1.12 -4.32
N MET B 164 24.81 0.66 -3.08
CA MET B 164 25.26 -0.66 -2.70
C MET B 164 24.09 -1.66 -2.83
N LEU B 165 24.31 -2.74 -3.60
CA LEU B 165 23.29 -3.76 -3.83
C LEU B 165 23.77 -5.12 -3.34
N ASP B 166 22.82 -5.96 -2.94
CA ASP B 166 23.11 -7.30 -2.43
C ASP B 166 23.08 -8.34 -3.56
N GLY B 167 24.26 -8.79 -3.96
CA GLY B 167 24.40 -9.73 -5.07
C GLY B 167 24.06 -11.18 -4.76
N SER B 168 23.66 -11.46 -3.51
CA SER B 168 23.23 -12.79 -3.09
C SER B 168 21.70 -12.96 -3.19
N ARG B 169 20.97 -11.85 -3.38
CA ARG B 169 19.52 -11.94 -3.58
C ARG B 169 19.18 -12.37 -5.02
N SER B 170 17.98 -12.93 -5.16
CA SER B 170 17.47 -13.34 -6.47
C SER B 170 17.20 -12.13 -7.36
N LYS B 171 16.76 -11.02 -6.73
CA LYS B 171 16.63 -9.75 -7.41
C LYS B 171 17.68 -8.79 -6.87
N ILE B 172 18.81 -8.68 -7.55
CA ILE B 172 19.88 -7.82 -7.10
C ILE B 172 19.41 -6.37 -7.09
N PHE B 173 18.77 -5.93 -8.18
CA PHE B 173 17.97 -4.71 -8.19
C PHE B 173 16.52 -5.12 -8.19
N ASP B 174 15.77 -4.65 -7.20
CA ASP B 174 14.36 -4.93 -7.08
C ASP B 174 13.60 -3.63 -7.26
N LYS B 175 12.88 -3.55 -8.37
CA LYS B 175 12.10 -2.36 -8.72
C LYS B 175 11.05 -1.99 -7.66
N ASP B 176 10.67 -2.95 -6.84
CA ASP B 176 9.66 -2.72 -5.79
C ASP B 176 10.26 -2.30 -4.46
N SER B 177 11.57 -2.25 -4.36
CA SER B 177 12.22 -1.77 -3.15
C SER B 177 12.04 -0.27 -3.04
N THR B 178 12.30 0.27 -1.85
CA THR B 178 12.36 1.70 -1.66
C THR B 178 13.38 2.34 -2.60
N PHE B 179 14.53 1.69 -2.76
CA PHE B 179 15.54 2.21 -3.69
C PHE B 179 14.97 2.26 -5.10
N GLY B 180 14.40 1.14 -5.54
CA GLY B 180 13.89 1.03 -6.90
C GLY B 180 12.62 1.83 -7.15
N SER B 181 11.73 1.92 -6.17
CA SER B 181 10.43 2.56 -6.39
C SER B 181 10.39 4.05 -6.07
N VAL B 182 11.29 4.50 -5.21
CA VAL B 182 11.29 5.89 -4.76
C VAL B 182 12.59 6.59 -5.16
N GLU B 183 13.72 6.02 -4.77
CA GLU B 183 14.98 6.73 -4.94
C GLU B 183 15.41 6.87 -6.41
N VAL B 184 15.37 5.80 -7.20
CA VAL B 184 15.88 5.90 -8.57
C VAL B 184 15.09 6.93 -9.37
N HIS B 185 13.80 7.06 -9.09
CA HIS B 185 12.90 7.92 -9.85
C HIS B 185 12.98 9.37 -9.38
N ASN B 186 13.63 9.63 -8.25
CA ASN B 186 13.72 10.98 -7.72
C ASN B 186 15.12 11.60 -7.80
N LEU B 187 16.06 10.89 -8.40
CA LEU B 187 17.35 11.48 -8.75
C LEU B 187 17.07 12.53 -9.84
N GLN B 188 17.73 13.68 -9.75
CA GLN B 188 17.49 14.78 -10.68
C GLN B 188 18.56 14.75 -11.77
N PRO B 189 18.14 14.46 -13.02
CA PRO B 189 19.03 14.42 -14.18
C PRO B 189 19.88 15.67 -14.39
N GLU B 190 19.41 16.82 -13.91
CA GLU B 190 20.15 18.06 -14.04
C GLU B 190 21.38 18.04 -13.13
N LYS B 191 21.24 17.39 -11.97
CA LYS B 191 22.23 17.44 -10.91
C LYS B 191 23.09 16.17 -10.88
N VAL B 192 22.51 15.03 -11.25
CA VAL B 192 23.17 13.75 -11.12
C VAL B 192 23.77 13.33 -12.46
N GLN B 193 25.07 13.12 -12.47
CA GLN B 193 25.77 12.78 -13.69
C GLN B 193 25.81 11.26 -13.84
N THR B 194 26.03 10.55 -12.74
CA THR B 194 26.21 9.10 -12.80
C THR B 194 25.59 8.40 -11.58
N LEU B 195 24.93 7.26 -11.81
CA LEU B 195 24.60 6.34 -10.73
C LEU B 195 25.56 5.16 -10.89
N GLU B 196 26.39 4.93 -9.88
CA GLU B 196 27.30 3.81 -9.90
C GLU B 196 26.91 2.75 -8.87
N ALA B 197 26.63 1.54 -9.34
CA ALA B 197 26.23 0.44 -8.47
C ALA B 197 27.43 -0.37 -8.01
N TRP B 198 27.45 -0.70 -6.73
CA TRP B 198 28.40 -1.65 -6.17
C TRP B 198 27.63 -2.90 -5.79
N VAL B 199 27.85 -3.98 -6.55
CA VAL B 199 27.15 -5.24 -6.31
C VAL B 199 28.01 -6.10 -5.39
N ILE B 200 27.50 -6.35 -4.20
CA ILE B 200 28.25 -7.04 -3.15
C ILE B 200 27.97 -8.55 -3.20
N HIS B 201 29.04 -9.33 -3.32
CA HIS B 201 28.91 -10.79 -3.43
C HIS B 201 28.72 -11.41 -2.04
N ARG B 208 32.06 -14.62 -11.14
CA ARG B 208 30.76 -14.16 -11.65
C ARG B 208 30.75 -12.65 -11.85
N ASP B 209 30.30 -12.20 -13.03
CA ASP B 209 30.13 -10.77 -13.30
C ASP B 209 28.67 -10.39 -13.06
N LEU B 210 28.34 -10.10 -11.80
CA LEU B 210 26.95 -9.79 -11.45
C LEU B 210 26.43 -8.47 -12.05
N CYS B 211 27.33 -7.64 -12.59
CA CYS B 211 26.93 -6.46 -13.36
C CYS B 211 26.27 -6.81 -14.71
N GLN B 212 26.32 -8.09 -15.09
CA GLN B 212 25.61 -8.56 -16.28
C GLN B 212 24.25 -9.20 -15.93
N ASP B 213 23.91 -9.22 -14.65
CA ASP B 213 22.63 -9.79 -14.20
C ASP B 213 21.47 -9.04 -14.87
N PRO B 214 20.39 -9.75 -15.21
CA PRO B 214 19.26 -9.09 -15.87
C PRO B 214 18.66 -7.90 -15.11
N THR B 215 18.63 -7.96 -13.78
CA THR B 215 18.05 -6.85 -13.01
C THR B 215 18.95 -5.61 -13.02
N ILE B 216 20.27 -5.81 -13.09
CA ILE B 216 21.22 -4.69 -13.22
C ILE B 216 21.07 -4.04 -14.60
N LYS B 217 20.84 -4.87 -15.61
CA LYS B 217 20.55 -4.41 -16.96
C LYS B 217 19.28 -3.56 -17.00
N GLU B 218 18.28 -4.02 -16.27
CA GLU B 218 17.02 -3.29 -16.11
C GLU B 218 17.28 -1.94 -15.43
N LEU B 219 18.01 -1.96 -14.33
CA LEU B 219 18.40 -0.72 -13.65
C LEU B 219 19.14 0.22 -14.60
N GLU B 220 20.06 -0.35 -15.37
CA GLU B 220 20.83 0.42 -16.35
C GLU B 220 19.92 1.10 -17.37
N SER B 221 18.95 0.35 -17.89
CA SER B 221 18.04 0.91 -18.89
C SER B 221 17.21 2.04 -18.28
N ILE B 222 16.68 1.84 -17.08
CA ILE B 222 15.85 2.85 -16.40
C ILE B 222 16.63 4.15 -16.18
N ILE B 223 17.83 4.04 -15.63
CA ILE B 223 18.67 5.20 -15.34
C ILE B 223 19.06 5.94 -16.61
N SER B 224 19.46 5.19 -17.64
CA SER B 224 19.82 5.76 -18.95
C SER B 224 18.67 6.57 -19.53
N LYS B 225 17.46 6.03 -19.41
CA LYS B 225 16.26 6.70 -19.94
C LYS B 225 15.94 7.98 -19.20
N ARG B 226 16.45 8.15 -17.99
CA ARG B 226 16.33 9.42 -17.31
C ARG B 226 17.47 10.39 -17.64
N ASN B 227 18.34 10.01 -18.58
CA ASN B 227 19.53 10.80 -18.97
C ASN B 227 20.55 10.89 -17.86
N ILE B 228 20.77 9.77 -17.19
CA ILE B 228 21.82 9.66 -16.21
C ILE B 228 22.67 8.48 -16.63
N GLN B 229 23.98 8.61 -16.45
CA GLN B 229 24.91 7.55 -16.81
C GLN B 229 24.88 6.46 -15.76
N PHE B 230 25.08 5.22 -16.19
CA PHE B 230 25.12 4.08 -15.27
C PHE B 230 26.50 3.44 -15.26
N SER B 231 26.97 3.10 -14.06
CA SER B 231 28.18 2.33 -13.91
C SER B 231 27.93 1.22 -12.93
N CYS B 232 28.69 0.13 -13.06
CA CYS B 232 28.56 -0.98 -12.13
C CYS B 232 29.91 -1.59 -11.84
N LYS B 233 30.10 -2.03 -10.60
CA LYS B 233 31.33 -2.69 -10.16
C LYS B 233 30.99 -3.85 -9.24
N ASN B 234 31.73 -4.96 -9.36
CA ASN B 234 31.57 -6.08 -8.44
C ASN B 234 32.42 -5.81 -7.21
N ILE B 235 31.93 -6.21 -6.05
CA ILE B 235 32.78 -6.29 -4.87
C ILE B 235 32.81 -7.75 -4.47
N TYR B 236 33.86 -8.43 -4.90
CA TYR B 236 33.97 -9.88 -4.75
C TYR B 236 34.20 -10.29 -3.31
N ARG B 237 34.94 -9.48 -2.57
CA ARG B 237 35.34 -9.81 -1.20
C ARG B 237 35.03 -8.63 -0.28
N PRO B 238 33.83 -8.63 0.34
CA PRO B 238 33.35 -7.56 1.22
C PRO B 238 34.29 -7.28 2.38
N ASP B 239 34.80 -8.36 2.98
CA ASP B 239 35.76 -8.26 4.08
C ASP B 239 37.01 -7.49 3.64
N LYS B 240 37.61 -7.89 2.53
CA LYS B 240 38.79 -7.19 1.99
C LYS B 240 38.43 -5.76 1.57
N PHE B 241 37.21 -5.57 1.08
CA PHE B 241 36.72 -4.24 0.73
C PHE B 241 36.80 -3.30 1.94
N LEU B 242 36.16 -3.68 3.04
CA LEU B 242 36.13 -2.87 4.26
C LEU B 242 37.52 -2.71 4.85
N GLN B 243 38.33 -3.77 4.74
CA GLN B 243 39.74 -3.75 5.12
C GLN B 243 40.51 -2.63 4.40
N CYS B 244 40.35 -2.55 3.08
CA CYS B 244 41.02 -1.54 2.26
C CYS B 244 40.41 -0.12 2.43
N VAL B 245 39.10 -0.05 2.68
CA VAL B 245 38.46 1.24 2.99
C VAL B 245 39.13 1.83 4.24
N LYS B 246 39.37 0.97 5.22
CA LYS B 246 40.04 1.35 6.47
C LYS B 246 41.55 1.58 6.32
N ASN B 247 42.24 0.77 5.51
CA ASN B 247 43.70 0.85 5.35
C ASN B 247 44.14 1.01 3.88
N PRO B 248 43.82 2.14 3.25
CA PRO B 248 44.07 2.31 1.83
C PRO B 248 45.53 2.65 1.50
C2A JS2 C . -15.51 -13.17 -1.64
C4A JS2 C . -15.93 -10.89 -2.20
C6 JS2 C . -17.04 -12.55 -3.36
O3 JS2 C . -17.60 -1.97 -1.71
C3 JS2 C . -17.83 -3.41 -1.49
C2 JS2 C . -17.27 -4.21 -2.63
O2 JS2 C . -17.02 -3.34 -3.71
C1 JS2 C . -15.92 -4.71 -2.08
O1 JS2 C . -14.95 -3.95 -2.68
O4 JS2 C . -15.79 -4.34 -0.72
C4 JS2 C . -17.08 -3.98 -0.24
C5 JS2 C . -17.80 -5.23 0.26
O5 JS2 C . -16.96 -5.78 1.32
PBG JS2 C . -17.34 -5.80 2.93
OAI JS2 C . -18.79 -6.67 3.16
OAD JS2 C . -17.31 -4.41 3.47
OAV JS2 C . -16.21 -6.81 3.59
PBF JS2 C . -16.73 -8.32 3.81
OAH JS2 C . -17.31 -8.29 5.24
OAC JS2 C . -15.57 -9.26 3.72
OAS JS2 C . -18.00 -8.58 2.68
CAM JS2 C . -17.72 -9.40 1.54
CAK JS2 C . -16.95 -8.58 0.50
CAL JS2 C . -15.49 -9.14 0.30
CAN JS2 C . -14.94 -8.93 -1.15
N9 JS2 C . -15.84 -9.59 -2.17
N3 JS2 C . -15.28 -11.81 -1.45
N1 JS2 C . -16.37 -13.54 -2.58
O6 JS2 C . -17.83 -12.93 -4.21
C5A JS2 C . -16.81 -11.25 -3.15
N7 JS2 C . -17.28 -10.13 -3.74
C8 JS2 C . -16.68 -9.13 -3.10
NAA JS2 C . -16.87 -7.84 -3.37
C2A JS2 D . 11.64 0.48 8.16
C4A JS2 D . 13.34 1.56 6.89
C6 JS2 D . 13.83 0.96 9.05
O3 JS2 D . 18.84 4.17 0.22
C3 JS2 D . 18.30 3.24 1.22
C2 JS2 D . 17.70 4.00 2.42
O2 JS2 D . 18.25 5.32 2.52
C1 JS2 D . 16.16 3.99 2.16
O1 JS2 D . 15.62 5.30 2.14
O4 JS2 D . 16.00 3.40 0.84
C4 JS2 D . 17.08 2.44 0.71
C5 JS2 D . 16.89 1.20 1.57
O5 JS2 D . 15.62 0.68 1.17
PBG JS2 D . 15.39 -0.77 0.35
OAI JS2 D . 16.07 -1.99 1.21
OAD JS2 D . 15.91 -0.64 -1.04
OAV JS2 D . 13.84 -0.97 0.37
PBF JS2 D . 13.13 -2.13 1.22
OAH JS2 D . 14.28 -3.24 1.66
OAC JS2 D . 12.06 -2.59 0.33
OAS JS2 D . 12.61 -1.36 2.60
CAM JS2 D . 13.29 -1.35 3.86
CAK JS2 D . 14.10 -0.06 3.96
CAL JS2 D . 13.18 1.15 3.59
CAN JS2 D . 13.20 2.34 4.56
N9 JS2 D . 13.94 2.14 5.86
N3 JS2 D . 12.09 1.05 6.97
N1 JS2 D . 12.49 0.44 9.18
O6 JS2 D . 14.60 0.89 10.00
C5A JS2 D . 14.21 1.50 7.89
N7 JS2 D . 15.36 2.06 7.50
C8 JS2 D . 15.16 2.46 6.26
NAA JS2 D . 16.06 3.06 5.50
#